data_1Z56
#
_entry.id   1Z56
#
_cell.length_a   247.617
_cell.length_b   247.617
_cell.length_c   98.416
_cell.angle_alpha   90.00
_cell.angle_beta   90.00
_cell.angle_gamma   120.00
#
_symmetry.space_group_name_H-M   'P 64 2 2'
#
loop_
_entity.id
_entity.type
_entity.pdbx_description
1 polymer 'Ligase interacting factor 1'
2 polymer 'DNA ligase IV'
3 polymer 'Ligase interacting factor 1'
4 polymer 'Ligase interacting factor 1'
5 polymer 'Ligase interacting factor 1'
6 polymer 'Ligase interacting factor 1'
7 polymer 'Ligase interacting factor 1'
8 polymer 'Ligase interacting factor 1'
9 polymer 'Ligase interacting factor 1'
#
loop_
_entity_poly.entity_id
_entity_poly.type
_entity_poly.pdbx_seq_one_letter_code
_entity_poly.pdbx_strand_id
1 'polypeptide(L)'
;MSQLTEFISCIPVVNEEQNEEDERGLCKIQIEDGAMLETLDENSLSGLRIEKMLVSEGTGIFSKSSFGINDLRIFTGENI
DEESKKYVWYELLKMLTGHKVYIASLDEKVVFTKWTCRMQDDEVWKVVMELESSAIIRKIAELTLHPVKKGEIDLFEMAD
KLYKDICCVNDSYRNIKESDSSNRNRVEQLARERELLDKLLETRDERTRAMMVTLLNEKKKKIRELHEILRQNNIKLSDD
DVLDSA
;
A,B
2 'polypeptide(L)'
;PISNIFAGLLFYVLSDYVTEDTGIRITRAELEKTIVEHGGKLIYNVILKRHSIGDVRLISCKTTTECKALIDRGYDILHP
NWVLDCIAYKRLILIEPNYCFNVSQKMRAVAEKRVDCLGDSFENDISETKLSSLYKSQLSLPPMGELEIDSEVRRFPLFL
FSNRIAYVPRRKISTEDDIIEMKIKLFGGKITDQQSLCNLIIIPYTDPILRKDCMNEVHEKIKEQIKASDTIPKIARVVA
PEWVDHSINENCQVPEEDFPVVNY
;
C
3 'polypeptide(L)' (UNK)(UNK)(UNK)(UNK)(UNK)(UNK)(UNK)(UNK) D
4 'polypeptide(L)' (UNK)(UNK)(UNK)(UNK)(UNK)(UNK)(UNK) E,H
5 'polypeptide(L)'
;(UNK)(UNK)(UNK)(UNK)(UNK)(UNK)(UNK)(UNK)(UNK)(UNK)(UNK)(UNK)(UNK)(UNK)(UNK)(UNK)
(UNK)(UNK)(UNK)(UNK)(UNK)(UNK)(UNK)(UNK)(UNK)(UNK)(UNK)(UNK)(UNK)(UNK)(UNK)(UNK)
(UNK)(UNK)(UNK)(UNK)(UNK)(UNK)(UNK)(UNK)(UNK)(UNK)(UNK)(UNK)(UNK)
;
F
6 'polypeptide(L)'
;(UNK)(UNK)(UNK)(UNK)(UNK)(UNK)(UNK)(UNK)(UNK)(UNK)(UNK)(UNK)(UNK)(UNK)(UNK)(UNK)
(UNK)(UNK)(UNK)(UNK)(UNK)(UNK)(UNK)(UNK)(UNK)(UNK)(UNK)(UNK)(UNK)(UNK)(UNK)(UNK)
(UNK)(UNK)(UNK)(UNK)(UNK)
;
G
7 'polypeptide(L)'
;(UNK)(UNK)(UNK)(UNK)(UNK)(UNK)(UNK)(UNK)(UNK)(UNK)(UNK)(UNK)(UNK)(UNK)(UNK)(UNK)
(UNK)(UNK)(UNK)(UNK)(UNK)(UNK)(UNK)(UNK)(UNK)(UNK)(UNK)(UNK)(UNK)(UNK)
;
I
8 'polypeptide(L)'
;(UNK)(UNK)(UNK)(UNK)(UNK)(UNK)(UNK)(UNK)(UNK)(UNK)(UNK)(UNK)(UNK)(UNK)(UNK)(UNK)
(UNK)(UNK)(UNK)(UNK)
;
J
9 'polypeptide(L)' (UNK)(UNK)(UNK)(UNK)(UNK)(UNK)(UNK)(UNK)(UNK)(UNK)(UNK)(UNK)(UNK) K
#
# COMPACT_ATOMS: atom_id res chain seq x y z
N ALA A 159 -14.75 -14.50 -46.21
CA ALA A 159 -14.87 -13.15 -46.84
C ALA A 159 -15.22 -12.06 -45.81
N ASP A 160 -16.52 -11.82 -45.60
CA ASP A 160 -17.03 -10.87 -44.59
C ASP A 160 -16.83 -11.43 -43.16
N LYS A 161 -16.38 -12.69 -43.10
CA LYS A 161 -16.03 -13.45 -41.87
C LYS A 161 -14.94 -12.76 -41.03
N LEU A 162 -14.28 -11.76 -41.62
CA LEU A 162 -13.24 -11.01 -40.93
C LEU A 162 -13.76 -9.66 -40.38
N TYR A 163 -14.53 -8.93 -41.19
CA TYR A 163 -15.24 -7.74 -40.71
C TYR A 163 -15.98 -8.21 -39.48
N LYS A 164 -15.99 -9.53 -39.30
CA LYS A 164 -16.67 -10.24 -38.21
C LYS A 164 -15.75 -10.50 -36.99
N ASP A 165 -14.52 -9.98 -37.07
CA ASP A 165 -13.59 -10.02 -35.95
C ASP A 165 -13.30 -8.65 -35.34
N ILE A 166 -14.24 -7.72 -35.53
CA ILE A 166 -14.35 -6.49 -34.72
C ILE A 166 -14.63 -6.91 -33.27
N CYS A 167 -15.29 -8.06 -33.13
CA CYS A 167 -15.42 -8.73 -31.86
C CYS A 167 -14.14 -8.57 -31.07
N CYS A 168 -13.03 -8.41 -31.78
CA CYS A 168 -11.76 -8.27 -31.11
C CYS A 168 -11.64 -6.99 -30.32
N VAL A 169 -11.91 -5.85 -30.96
CA VAL A 169 -11.76 -4.56 -30.26
C VAL A 169 -12.71 -4.45 -29.06
N ASN A 170 -13.33 -5.56 -28.70
CA ASN A 170 -14.10 -5.60 -27.47
C ASN A 170 -13.29 -6.31 -26.42
N ASP A 171 -12.41 -7.22 -26.87
CA ASP A 171 -11.35 -7.72 -26.00
C ASP A 171 -10.71 -6.49 -25.39
N SER A 172 -10.20 -5.61 -26.25
CA SER A 172 -9.68 -4.32 -25.80
C SER A 172 -10.75 -3.53 -25.03
N TYR A 173 -11.94 -3.45 -25.61
CA TYR A 173 -13.02 -2.56 -25.12
C TYR A 173 -13.81 -3.06 -23.91
N ARG A 174 -13.08 -3.58 -22.92
CA ARG A 174 -13.61 -3.88 -21.59
C ARG A 174 -12.46 -3.82 -20.61
N ASN A 175 -11.36 -4.49 -20.95
CA ASN A 175 -10.27 -4.67 -20.01
C ASN A 175 -9.24 -3.55 -20.03
N ILE A 176 -8.97 -2.98 -21.20
CA ILE A 176 -8.13 -1.80 -21.23
C ILE A 176 -8.99 -0.59 -20.86
N LYS A 177 -10.26 -0.91 -20.60
CA LYS A 177 -11.21 -0.06 -19.91
C LYS A 177 -11.23 -0.55 -18.44
N GLU A 178 -10.04 -0.90 -17.94
CA GLU A 178 -9.88 -1.49 -16.61
C GLU A 178 -8.41 -1.42 -16.20
N SER A 179 -7.59 -2.32 -16.74
CA SER A 179 -6.22 -2.49 -16.26
C SER A 179 -5.22 -1.51 -16.88
N ASP A 180 -5.72 -0.38 -17.35
CA ASP A 180 -4.94 0.84 -17.50
C ASP A 180 -5.85 1.99 -17.16
N SER A 181 -7.14 1.66 -17.12
CA SER A 181 -8.16 2.54 -16.60
C SER A 181 -8.12 2.31 -15.10
N SER A 182 -9.09 1.53 -14.62
CA SER A 182 -9.29 1.30 -13.20
C SER A 182 -7.97 1.09 -12.44
N ASN A 183 -7.09 0.24 -12.96
CA ASN A 183 -5.88 -0.14 -12.21
C ASN A 183 -4.82 0.93 -11.95
N ARG A 184 -4.46 1.73 -12.95
CA ARG A 184 -3.49 2.80 -12.73
C ARG A 184 -3.99 3.73 -11.63
N ASN A 185 -5.30 3.99 -11.61
CA ASN A 185 -5.91 4.76 -10.54
C ASN A 185 -5.60 4.15 -9.18
N ARG A 186 -5.92 2.87 -9.04
CA ARG A 186 -5.60 2.12 -7.85
C ARG A 186 -4.11 2.27 -7.53
N VAL A 187 -3.28 2.20 -8.56
CA VAL A 187 -1.83 2.22 -8.40
C VAL A 187 -1.24 3.63 -8.10
N GLU A 188 -2.11 4.61 -7.88
CA GLU A 188 -1.65 5.93 -7.45
C GLU A 188 -2.64 6.54 -6.47
N GLN A 189 -3.94 6.40 -6.74
CA GLN A 189 -4.92 6.93 -5.81
C GLN A 189 -4.74 6.25 -4.47
N LEU A 190 -4.70 4.93 -4.49
CA LEU A 190 -4.46 4.15 -3.27
C LEU A 190 -3.01 3.63 -3.23
N ALA A 191 -2.06 4.54 -3.51
CA ALA A 191 -0.61 4.25 -3.48
C ALA A 191 0.18 5.50 -3.17
N ARG A 192 -0.26 6.63 -3.73
CA ARG A 192 0.11 7.91 -3.15
C ARG A 192 -0.88 8.09 -2.03
N GLU A 193 -1.32 6.96 -1.49
CA GLU A 193 -1.91 6.95 -0.17
C GLU A 193 -0.85 6.71 0.90
N ARG A 194 0.10 5.79 0.64
CA ARG A 194 1.20 5.62 1.55
C ARG A 194 1.72 7.00 1.91
N GLU A 195 2.05 7.80 0.90
CA GLU A 195 2.66 9.09 1.17
C GLU A 195 1.73 10.11 1.81
N LEU A 196 0.50 9.72 2.08
CA LEU A 196 -0.29 10.52 3.00
C LEU A 196 0.03 10.06 4.41
N LEU A 197 -0.04 8.75 4.64
CA LEU A 197 0.11 8.17 5.98
C LEU A 197 1.53 8.17 6.50
N ASP A 198 2.51 7.92 5.63
CA ASP A 198 3.88 7.94 6.11
C ASP A 198 4.21 9.27 6.75
N LYS A 199 3.86 10.34 6.04
CA LYS A 199 3.90 11.72 6.53
C LYS A 199 3.23 11.89 7.91
N LEU A 200 2.23 11.07 8.18
CA LEU A 200 1.66 10.97 9.52
C LEU A 200 2.52 10.10 10.41
N LEU A 201 2.55 8.80 10.12
CA LEU A 201 3.13 7.80 11.00
C LEU A 201 4.62 8.00 11.24
N GLU A 202 5.13 9.15 10.80
CA GLU A 202 6.39 9.68 11.31
C GLU A 202 6.03 10.83 12.24
N THR A 203 5.18 11.73 11.75
CA THR A 203 4.68 12.87 12.52
C THR A 203 4.23 12.43 13.89
N ARG A 204 3.47 11.34 13.94
CA ARG A 204 2.97 10.82 15.20
C ARG A 204 4.10 10.11 15.88
N ASP A 205 4.70 9.18 15.17
CA ASP A 205 5.69 8.34 15.78
C ASP A 205 6.82 9.14 16.38
N GLU A 206 6.93 10.42 16.02
CA GLU A 206 8.02 11.19 16.60
C GLU A 206 7.51 12.14 17.64
N ARG A 207 6.19 12.27 17.69
CA ARG A 207 5.56 13.02 18.76
C ARG A 207 5.59 12.13 19.97
N THR A 208 5.37 10.86 19.74
CA THR A 208 5.14 9.99 20.84
C THR A 208 6.41 9.31 21.30
N ARG A 209 7.54 9.69 20.74
CA ARG A 209 8.81 9.24 21.33
C ARG A 209 9.33 10.34 22.20
N ALA A 210 9.09 11.56 21.77
CA ALA A 210 9.47 12.72 22.51
C ALA A 210 8.57 12.84 23.75
N MET A 211 7.42 12.19 23.72
CA MET A 211 6.59 12.07 24.90
C MET A 211 7.30 11.18 25.91
N MET A 212 7.16 9.88 25.65
CA MET A 212 7.78 8.82 26.43
C MET A 212 9.03 9.31 27.11
N VAL A 213 9.99 9.78 26.32
CA VAL A 213 11.24 10.20 26.89
C VAL A 213 11.06 11.23 27.98
N THR A 214 10.41 12.34 27.66
CA THR A 214 10.36 13.45 28.59
C THR A 214 9.61 13.14 29.86
N LEU A 215 9.04 11.94 29.91
CA LEU A 215 8.44 11.44 31.15
C LEU A 215 9.49 10.62 31.87
N LEU A 216 10.04 9.66 31.12
CA LEU A 216 11.09 8.79 31.60
C LEU A 216 12.08 9.74 32.12
N ASN A 217 12.35 10.75 31.30
CA ASN A 217 13.19 11.87 31.65
C ASN A 217 12.78 12.64 32.89
N GLU A 218 11.49 12.92 33.03
CA GLU A 218 11.02 13.74 34.15
C GLU A 218 11.17 13.14 35.53
N LYS A 219 10.94 11.86 35.58
CA LYS A 219 11.07 11.13 36.82
C LYS A 219 12.50 10.76 37.12
N LYS A 220 13.35 10.75 36.11
CA LYS A 220 14.74 10.46 36.36
C LYS A 220 15.40 11.68 36.98
N LYS A 221 15.02 12.86 36.50
CA LYS A 221 15.52 14.12 37.08
C LYS A 221 15.18 14.17 38.54
N LYS A 222 13.89 14.19 38.83
CA LYS A 222 13.36 14.00 40.20
C LYS A 222 14.01 12.87 41.02
N ILE A 223 14.35 11.75 40.35
CA ILE A 223 15.04 10.63 41.00
C ILE A 223 16.40 11.03 41.53
N ARG A 224 16.92 12.11 40.99
CA ARG A 224 18.07 12.74 41.60
C ARG A 224 17.60 13.74 42.63
N GLU A 225 16.69 14.64 42.25
CA GLU A 225 16.34 15.78 43.11
C GLU A 225 16.21 15.28 44.52
N LEU A 226 15.29 14.34 44.71
CA LEU A 226 15.07 13.79 46.03
C LEU A 226 16.30 13.14 46.59
N HIS A 227 16.98 12.37 45.75
CA HIS A 227 18.16 11.61 46.12
C HIS A 227 19.30 12.43 46.76
N GLU A 228 19.43 13.66 46.28
CA GLU A 228 20.55 14.52 46.61
C GLU A 228 20.04 15.68 47.45
N ILE A 229 18.77 15.58 47.83
CA ILE A 229 18.25 16.25 49.00
C ILE A 229 18.55 15.24 50.10
N LEU A 230 18.71 13.99 49.71
CA LEU A 230 19.27 12.99 50.59
C LEU A 230 20.76 13.22 50.65
N ARG A 231 21.17 14.32 51.27
CA ARG A 231 22.60 14.61 51.51
C ARG A 231 22.86 14.91 52.98
N GLN A 232 21.92 15.65 53.57
CA GLN A 232 21.93 15.99 54.98
C GLN A 232 21.71 14.79 55.90
N ASN A 233 21.01 13.79 55.38
CA ASN A 233 20.56 12.65 56.18
C ASN A 233 20.98 11.32 55.52
N ASN A 234 22.22 11.25 55.06
CA ASN A 234 22.61 10.21 54.12
C ASN A 234 22.18 8.77 54.47
N ILE A 235 21.98 7.96 53.42
CA ILE A 235 21.43 6.57 53.44
C ILE A 235 21.79 5.68 54.65
N PHE B 156 -9.98 -9.48 -52.68
CA PHE B 156 -9.55 -8.05 -52.61
C PHE B 156 -8.07 -7.82 -52.25
N GLU B 157 -7.50 -6.76 -52.82
CA GLU B 157 -6.29 -6.16 -52.25
C GLU B 157 -6.83 -5.19 -51.19
N MET B 158 -7.96 -5.58 -50.63
CA MET B 158 -8.63 -4.85 -49.61
C MET B 158 -8.80 -5.81 -48.49
N ALA B 159 -8.49 -7.07 -48.75
CA ALA B 159 -8.59 -8.09 -47.72
C ALA B 159 -7.54 -7.84 -46.69
N ASP B 160 -6.28 -8.02 -47.09
CA ASP B 160 -5.17 -8.06 -46.13
C ASP B 160 -5.14 -6.99 -45.03
N LYS B 161 -5.80 -5.84 -45.24
CA LYS B 161 -6.03 -4.87 -44.17
C LYS B 161 -6.42 -5.57 -42.88
N LEU B 162 -7.40 -6.45 -42.98
CA LEU B 162 -7.81 -7.21 -41.85
C LEU B 162 -6.68 -8.18 -41.49
N TYR B 163 -6.09 -8.83 -42.48
CA TYR B 163 -4.89 -9.58 -42.22
C TYR B 163 -3.75 -8.65 -41.84
N LYS B 164 -4.16 -7.48 -41.31
CA LYS B 164 -3.26 -6.51 -40.68
C LYS B 164 -3.84 -5.99 -39.36
N ASP B 165 -4.65 -6.82 -38.70
CA ASP B 165 -5.08 -6.54 -37.34
C ASP B 165 -3.89 -6.72 -36.44
N ILE B 166 -3.24 -7.88 -36.64
CA ILE B 166 -2.09 -8.40 -35.90
C ILE B 166 -1.25 -7.37 -35.21
N CYS B 167 -1.36 -6.13 -35.70
CA CYS B 167 -0.73 -5.02 -35.06
C CYS B 167 -1.56 -4.66 -33.82
N CYS B 168 -2.17 -3.48 -33.76
CA CYS B 168 -2.74 -3.00 -32.47
C CYS B 168 -3.48 -4.12 -31.72
N VAL B 169 -4.33 -4.85 -32.44
CA VAL B 169 -5.20 -5.83 -31.81
C VAL B 169 -4.54 -7.15 -31.50
N ASN B 170 -3.22 -7.20 -31.70
CA ASN B 170 -2.42 -8.27 -31.13
C ASN B 170 -1.26 -7.71 -30.27
N ASP B 171 -0.85 -6.46 -30.54
CA ASP B 171 0.27 -5.86 -29.82
C ASP B 171 -0.13 -4.88 -28.73
N SER B 172 -1.04 -3.95 -29.04
CA SER B 172 -1.62 -3.13 -28.00
C SER B 172 -2.31 -4.10 -27.03
N TYR B 173 -2.43 -5.37 -27.46
CA TYR B 173 -2.88 -6.45 -26.59
C TYR B 173 -1.72 -7.11 -25.85
N ARG B 174 -0.68 -7.52 -26.55
CA ARG B 174 0.57 -7.85 -25.85
C ARG B 174 0.93 -6.69 -24.91
N ASN B 175 0.15 -5.61 -25.00
CA ASN B 175 0.22 -4.49 -24.08
C ASN B 175 -0.75 -4.63 -22.90
N ILE B 176 -2.03 -4.87 -23.16
CA ILE B 176 -2.96 -5.14 -22.06
C ILE B 176 -2.28 -6.07 -21.06
N LYS B 177 -1.60 -7.08 -21.58
CA LYS B 177 -0.86 -8.04 -20.78
C LYS B 177 -0.20 -7.37 -19.62
N GLU B 178 0.97 -6.79 -19.89
CA GLU B 178 1.80 -6.23 -18.85
C GLU B 178 1.13 -5.06 -18.15
N SER B 179 -0.12 -4.82 -18.53
CA SER B 179 -0.89 -3.85 -17.83
C SER B 179 -2.01 -4.52 -17.04
N ASP B 180 -2.47 -5.67 -17.51
CA ASP B 180 -3.41 -6.47 -16.73
C ASP B 180 -2.64 -7.42 -15.82
N SER B 181 -1.38 -7.61 -16.13
CA SER B 181 -0.52 -8.31 -15.20
C SER B 181 0.07 -7.29 -14.23
N SER B 182 1.02 -6.48 -14.70
CA SER B 182 1.87 -5.68 -13.81
C SER B 182 1.13 -4.68 -12.97
N ASN B 183 0.06 -4.12 -13.51
CA ASN B 183 -0.73 -3.19 -12.73
C ASN B 183 -1.68 -3.85 -11.73
N ARG B 184 -1.96 -5.13 -11.92
CA ARG B 184 -2.62 -5.90 -10.87
C ARG B 184 -1.54 -6.26 -9.89
N ASN B 185 -0.45 -6.78 -10.41
CA ASN B 185 0.67 -7.22 -9.59
C ASN B 185 1.17 -6.22 -8.58
N ARG B 186 1.07 -4.93 -8.89
CA ARG B 186 1.43 -3.93 -7.90
C ARG B 186 0.35 -3.80 -6.86
N VAL B 187 -0.86 -3.42 -7.27
CA VAL B 187 -1.99 -3.39 -6.35
C VAL B 187 -1.92 -4.60 -5.41
N GLU B 188 -1.60 -5.78 -5.97
CA GLU B 188 -1.23 -6.96 -5.18
C GLU B 188 -0.17 -6.59 -4.17
N GLN B 189 1.09 -6.61 -4.62
CA GLN B 189 2.23 -6.29 -3.80
C GLN B 189 1.95 -5.14 -2.87
N LEU B 190 1.57 -4.01 -3.45
CA LEU B 190 1.50 -2.76 -2.75
C LEU B 190 0.57 -2.86 -1.57
N ALA B 191 -0.33 -3.84 -1.62
CA ALA B 191 -1.25 -4.09 -0.51
C ALA B 191 -0.76 -5.22 0.41
N ARG B 192 -0.63 -6.43 -0.13
CA ARG B 192 -0.07 -7.55 0.61
C ARG B 192 1.08 -7.08 1.48
N GLU B 193 1.82 -6.07 1.00
CA GLU B 193 2.90 -5.45 1.76
C GLU B 193 2.31 -4.89 3.04
N ARG B 194 1.79 -3.69 2.92
CA ARG B 194 1.45 -2.91 4.08
C ARG B 194 0.34 -3.55 4.88
N GLU B 195 -0.72 -3.97 4.21
CA GLU B 195 -1.83 -4.66 4.87
C GLU B 195 -1.43 -5.89 5.71
N LEU B 196 -0.14 -6.18 5.75
CA LEU B 196 0.40 -7.24 6.60
C LEU B 196 1.72 -6.73 7.14
N LEU B 197 1.93 -5.41 6.96
CA LEU B 197 3.05 -4.74 7.59
C LEU B 197 2.49 -3.67 8.51
N ASP B 198 2.29 -2.48 7.93
CA ASP B 198 1.88 -1.26 8.63
C ASP B 198 1.24 -1.59 9.94
N LYS B 199 0.08 -2.19 9.85
CA LYS B 199 -0.77 -2.39 10.98
C LYS B 199 -0.18 -3.46 11.94
N LEU B 200 0.80 -4.23 11.46
CA LEU B 200 1.40 -5.25 12.29
C LEU B 200 2.63 -4.93 13.15
N LEU B 201 3.68 -4.33 12.59
CA LEU B 201 4.72 -3.70 13.41
C LEU B 201 4.09 -2.86 14.54
N GLU B 202 2.88 -2.38 14.25
CA GLU B 202 2.14 -1.62 15.19
C GLU B 202 1.48 -2.49 16.27
N THR B 203 1.45 -3.80 16.07
CA THR B 203 1.31 -4.67 17.22
C THR B 203 2.38 -4.28 18.21
N ARG B 204 3.48 -3.74 17.70
CA ARG B 204 4.60 -3.37 18.54
C ARG B 204 4.45 -1.99 19.21
N ASP B 205 3.73 -1.08 18.56
CA ASP B 205 3.22 0.09 19.30
C ASP B 205 2.55 -0.35 20.60
N GLU B 206 1.96 -1.56 20.57
CA GLU B 206 1.33 -2.15 21.76
C GLU B 206 2.38 -2.75 22.70
N ARG B 207 3.38 -3.44 22.16
CA ARG B 207 4.44 -3.99 22.99
C ARG B 207 5.12 -2.83 23.69
N THR B 208 5.41 -1.78 22.93
CA THR B 208 6.09 -0.60 23.48
C THR B 208 5.44 0.02 24.70
N ARG B 209 4.13 -0.11 24.84
CA ARG B 209 3.48 0.55 25.96
C ARG B 209 3.88 -0.14 27.21
N ALA B 210 3.49 -1.40 27.30
CA ALA B 210 3.66 -2.12 28.54
C ALA B 210 5.07 -1.96 29.05
N MET B 211 6.07 -2.08 28.15
CA MET B 211 7.44 -1.83 28.54
C MET B 211 7.43 -0.55 29.33
N MET B 212 7.00 0.53 28.70
CA MET B 212 6.90 1.78 29.41
C MET B 212 6.15 1.55 30.69
N VAL B 213 4.83 1.40 30.61
CA VAL B 213 4.06 1.17 31.83
C VAL B 213 4.89 0.29 32.73
N THR B 214 4.96 -1.00 32.44
CA THR B 214 5.46 -1.94 33.43
C THR B 214 6.84 -1.52 33.94
N LEU B 215 7.45 -0.59 33.22
CA LEU B 215 8.82 -0.21 33.50
C LEU B 215 9.05 1.34 33.44
N LEU B 216 7.95 2.07 33.62
CA LEU B 216 7.93 3.49 34.01
C LEU B 216 7.41 3.62 35.44
N ASN B 217 6.33 2.88 35.76
CA ASN B 217 5.94 2.67 37.16
C ASN B 217 7.13 2.08 37.88
N GLU B 218 8.04 1.48 37.12
CA GLU B 218 9.29 1.08 37.73
C GLU B 218 9.93 2.28 38.37
N LYS B 219 10.15 3.35 37.62
CA LYS B 219 10.75 4.57 38.19
C LYS B 219 9.94 5.18 39.35
N LYS B 220 8.61 5.19 39.21
CA LYS B 220 7.74 5.93 40.13
C LYS B 220 7.75 5.37 41.53
N LYS B 221 7.74 4.05 41.63
CA LYS B 221 7.82 3.42 42.93
C LYS B 221 9.02 4.02 43.61
N LYS B 222 10.14 3.93 42.91
CA LYS B 222 11.41 4.36 43.43
C LYS B 222 11.47 5.88 43.51
N ILE B 223 10.31 6.51 43.65
CA ILE B 223 10.25 7.84 44.21
C ILE B 223 9.65 7.67 45.59
N ARG B 224 8.53 6.97 45.66
CA ARG B 224 7.67 6.98 46.85
C ARG B 224 8.38 6.44 48.03
N GLU B 225 9.16 5.39 47.80
CA GLU B 225 10.08 4.85 48.81
C GLU B 225 10.98 5.97 49.32
N LEU B 226 11.84 6.49 48.45
CA LEU B 226 12.59 7.70 48.76
C LEU B 226 11.71 8.66 49.56
N HIS B 227 10.84 9.35 48.82
CA HIS B 227 10.03 10.41 49.35
C HIS B 227 9.44 10.07 50.70
N GLU B 228 9.19 8.77 50.94
CA GLU B 228 8.67 8.33 52.25
C GLU B 228 9.70 7.56 53.03
N ILE B 229 10.84 8.21 53.24
CA ILE B 229 11.76 7.92 54.34
C ILE B 229 12.24 9.25 54.96
N LEU B 230 11.49 10.31 54.74
CA LEU B 230 12.06 11.62 54.96
C LEU B 230 11.31 12.43 56.00
N ARG B 231 11.99 13.43 56.57
CA ARG B 231 11.39 14.53 57.37
C ARG B 231 11.81 15.88 56.75
N SER C 3 -24.33 -0.58 57.49
CA SER C 3 -24.12 -1.82 56.67
C SER C 3 -23.06 -2.74 57.29
N ASN C 4 -21.94 -2.13 57.69
CA ASN C 4 -20.75 -2.86 58.13
C ASN C 4 -20.15 -3.84 57.12
N ILE C 5 -19.25 -3.31 56.29
CA ILE C 5 -18.16 -4.06 55.64
C ILE C 5 -17.00 -3.90 56.65
N PHE C 6 -17.39 -3.70 57.92
CA PHE C 6 -16.63 -2.93 58.90
C PHE C 6 -16.25 -1.69 58.15
N ALA C 7 -15.06 -1.76 57.60
CA ALA C 7 -14.55 -0.83 56.63
C ALA C 7 -13.56 -1.68 55.87
N GLY C 8 -13.91 -2.09 54.66
CA GLY C 8 -13.03 -2.94 53.89
C GLY C 8 -11.59 -2.53 54.15
N LEU C 9 -11.29 -1.28 53.79
CA LEU C 9 -9.93 -0.79 53.73
C LEU C 9 -9.80 0.54 54.45
N LEU C 10 -9.56 0.46 55.75
CA LEU C 10 -9.56 1.60 56.64
C LEU C 10 -8.39 2.52 56.37
N PHE C 11 -8.43 3.28 55.28
CA PHE C 11 -7.30 4.15 54.98
C PHE C 11 -7.50 5.66 55.05
N TYR C 12 -8.24 6.10 56.09
CA TYR C 12 -8.27 7.51 56.53
C TYR C 12 -8.28 7.62 58.06
N VAL C 13 -8.72 8.78 58.54
CA VAL C 13 -8.90 9.13 59.94
C VAL C 13 -9.56 10.51 59.89
N LEU C 14 -9.95 10.91 58.68
CA LEU C 14 -10.25 12.29 58.37
C LEU C 14 -11.70 12.44 57.97
N SER C 15 -12.39 13.42 58.60
CA SER C 15 -13.82 13.67 58.39
C SER C 15 -14.19 14.17 56.99
N ASP C 16 -14.81 13.31 56.21
CA ASP C 16 -15.27 13.64 54.86
C ASP C 16 -16.70 14.05 54.92
N TYR C 17 -17.10 14.98 54.08
CA TYR C 17 -18.51 15.19 53.84
C TYR C 17 -18.59 15.86 52.50
N VAL C 18 -19.56 15.42 51.69
CA VAL C 18 -19.51 15.72 50.26
C VAL C 18 -20.70 16.49 49.73
N THR C 19 -20.41 17.47 48.88
CA THR C 19 -21.41 18.36 48.34
C THR C 19 -21.62 18.06 46.87
N GLU C 20 -22.61 17.22 46.60
CA GLU C 20 -23.04 16.87 45.23
C GLU C 20 -22.09 16.04 44.39
N ASP C 21 -22.67 15.45 43.35
CA ASP C 21 -22.01 14.43 42.55
C ASP C 21 -22.71 14.35 41.22
N THR C 22 -21.99 13.82 40.23
CA THR C 22 -22.50 13.43 38.89
C THR C 22 -21.79 12.15 38.37
N GLY C 23 -21.80 11.95 37.06
CA GLY C 23 -20.96 10.95 36.41
C GLY C 23 -19.91 11.63 35.54
N ILE C 24 -18.76 11.01 35.34
CA ILE C 24 -17.73 11.71 34.57
C ILE C 24 -17.98 11.58 33.08
N ARG C 25 -17.64 10.41 32.52
CA ARG C 25 -18.02 10.04 31.14
C ARG C 25 -18.76 8.69 31.14
N ILE C 26 -18.25 7.75 31.94
CA ILE C 26 -18.99 6.56 32.27
C ILE C 26 -19.96 6.87 33.45
N THR C 27 -21.21 6.40 33.33
CA THR C 27 -22.16 6.26 34.45
C THR C 27 -22.35 7.50 35.33
N ARG C 28 -22.73 7.28 36.61
CA ARG C 28 -22.78 8.31 37.67
C ARG C 28 -22.81 7.72 39.09
N ALA C 29 -21.82 8.11 39.91
CA ALA C 29 -21.77 7.75 41.33
C ALA C 29 -22.78 8.64 42.04
N GLU C 30 -23.51 8.07 42.99
CA GLU C 30 -24.75 8.66 43.48
C GLU C 30 -24.73 9.01 44.99
N LEU C 31 -24.00 10.08 45.28
CA LEU C 31 -23.68 10.59 46.63
C LEU C 31 -23.71 9.58 47.78
N GLU C 32 -24.89 9.11 48.17
CA GLU C 32 -24.95 8.05 49.17
C GLU C 32 -23.95 7.00 48.72
N LYS C 33 -23.87 6.86 47.40
CA LYS C 33 -22.99 5.90 46.75
C LYS C 33 -21.53 6.29 46.85
N THR C 34 -21.25 7.58 47.03
CA THR C 34 -19.90 7.99 47.41
C THR C 34 -19.80 7.74 48.89
N ILE C 35 -20.59 8.45 49.67
CA ILE C 35 -20.42 8.42 51.13
C ILE C 35 -20.17 6.97 51.52
N VAL C 36 -21.13 6.12 51.22
CA VAL C 36 -21.05 4.72 51.65
C VAL C 36 -19.85 3.95 51.05
N GLU C 37 -19.47 4.29 49.81
CA GLU C 37 -18.33 3.61 49.18
C GLU C 37 -16.96 4.03 49.74
N HIS C 38 -16.98 4.81 50.83
CA HIS C 38 -15.77 5.10 51.56
C HIS C 38 -16.12 5.28 53.01
N GLY C 39 -17.24 5.96 53.26
CA GLY C 39 -17.78 6.14 54.61
C GLY C 39 -17.91 4.79 55.28
N GLY C 40 -18.16 3.79 54.44
CA GLY C 40 -18.00 2.40 54.81
C GLY C 40 -16.52 2.09 54.94
N LYS C 41 -15.81 2.19 53.82
CA LYS C 41 -14.37 1.92 53.80
C LYS C 41 -13.57 2.68 54.85
N LEU C 42 -14.14 3.74 55.41
CA LEU C 42 -13.53 4.41 56.56
C LEU C 42 -14.43 5.40 57.28
N ILE C 43 -14.20 5.57 58.58
CA ILE C 43 -15.10 6.34 59.44
C ILE C 43 -14.93 7.83 59.19
N TYR C 44 -16.05 8.53 58.95
CA TYR C 44 -16.10 9.99 58.75
C TYR C 44 -17.46 10.47 58.20
N ASN C 45 -17.80 11.69 58.58
CA ASN C 45 -19.19 12.05 58.82
C ASN C 45 -19.62 13.46 58.37
N VAL C 46 -20.68 13.55 57.56
CA VAL C 46 -21.41 14.82 57.39
C VAL C 46 -22.00 15.12 58.75
N ILE C 47 -22.52 14.06 59.37
CA ILE C 47 -23.30 14.10 60.58
C ILE C 47 -22.68 14.91 61.71
N LEU C 48 -23.57 15.56 62.46
CA LEU C 48 -23.29 16.40 63.62
C LEU C 48 -21.92 16.19 64.26
N LYS C 49 -21.10 17.23 64.19
CA LYS C 49 -19.84 17.24 64.89
C LYS C 49 -19.48 18.70 65.15
N ARG C 50 -19.71 19.14 66.39
CA ARG C 50 -19.43 20.52 66.84
C ARG C 50 -17.95 20.86 66.68
N HIS C 51 -17.17 19.78 66.58
CA HIS C 51 -15.74 19.75 66.25
C HIS C 51 -15.16 21.03 65.68
N SER C 52 -14.18 21.58 66.42
CA SER C 52 -13.44 22.78 66.01
C SER C 52 -12.00 22.66 66.49
N ILE C 53 -11.69 21.56 67.16
CA ILE C 53 -10.40 21.33 67.84
C ILE C 53 -9.19 20.95 66.93
N GLY C 54 -9.27 21.28 65.63
CA GLY C 54 -8.27 20.86 64.63
C GLY C 54 -8.90 20.37 63.31
N ASP C 55 -8.44 20.92 62.19
CA ASP C 55 -9.19 20.88 60.93
C ASP C 55 -8.73 20.01 59.77
N VAL C 56 -9.04 18.73 59.88
CA VAL C 56 -8.97 17.80 58.76
C VAL C 56 -10.38 17.42 58.35
N ARG C 57 -11.18 18.41 58.00
CA ARG C 57 -12.42 18.08 57.31
C ARG C 57 -12.14 18.26 55.84
N LEU C 58 -11.95 17.13 55.16
CA LEU C 58 -11.79 17.16 53.72
C LEU C 58 -13.17 17.16 53.04
N ILE C 59 -13.36 18.09 52.10
CA ILE C 59 -14.69 18.34 51.51
C ILE C 59 -14.72 18.11 50.02
N SER C 60 -15.31 16.99 49.61
CA SER C 60 -15.26 16.56 48.21
C SER C 60 -16.54 16.92 47.47
N CYS C 61 -16.42 17.39 46.23
CA CYS C 61 -17.61 17.64 45.41
C CYS C 61 -17.46 17.79 43.88
N LYS C 62 -18.43 17.25 43.14
CA LYS C 62 -18.46 17.31 41.67
C LYS C 62 -18.81 18.72 41.22
N THR C 63 -20.05 19.15 41.50
CA THR C 63 -20.59 20.45 41.09
C THR C 63 -20.68 21.38 42.29
N THR C 64 -21.00 22.64 42.04
CA THR C 64 -21.06 23.65 43.10
C THR C 64 -22.48 24.03 43.56
N THR C 65 -23.10 24.94 42.78
CA THR C 65 -24.24 25.78 43.24
C THR C 65 -24.31 25.79 44.81
N GLU C 66 -25.40 25.36 45.46
CA GLU C 66 -25.54 25.53 46.93
C GLU C 66 -24.18 25.56 47.63
N CYS C 67 -23.27 24.75 47.08
CA CYS C 67 -21.85 24.64 47.45
C CYS C 67 -21.11 25.99 47.67
N LYS C 68 -21.09 26.83 46.62
CA LYS C 68 -20.43 28.16 46.58
C LYS C 68 -19.97 28.72 47.91
N ALA C 69 -20.97 29.16 48.67
CA ALA C 69 -20.80 29.82 49.96
C ALA C 69 -19.69 29.31 50.90
N LEU C 70 -18.87 28.36 50.49
CA LEU C 70 -17.73 28.03 51.33
C LEU C 70 -16.39 27.94 50.58
N ILE C 71 -16.41 28.07 49.25
CA ILE C 71 -15.21 28.53 48.54
C ILE C 71 -15.19 30.04 48.62
N ASP C 72 -16.40 30.59 48.65
CA ASP C 72 -16.58 31.99 48.90
C ASP C 72 -16.54 32.24 50.40
N ARG C 73 -15.76 31.41 51.10
CA ARG C 73 -15.36 31.62 52.49
C ARG C 73 -14.05 30.87 52.77
N GLY C 74 -13.20 30.77 51.75
CA GLY C 74 -11.83 30.34 51.95
C GLY C 74 -11.50 28.87 51.89
N TYR C 75 -12.39 28.03 52.38
CA TYR C 75 -12.06 26.62 52.43
C TYR C 75 -11.77 26.09 51.04
N ASP C 76 -10.80 25.17 50.95
CA ASP C 76 -10.40 24.56 49.67
C ASP C 76 -11.20 23.30 49.43
N ILE C 77 -12.07 23.29 48.41
CA ILE C 77 -12.74 22.03 48.00
C ILE C 77 -11.74 21.15 47.20
N LEU C 78 -11.69 19.84 47.43
CA LEU C 78 -10.78 19.02 46.61
C LEU C 78 -11.44 17.71 46.30
N HIS C 79 -11.54 17.33 45.02
CA HIS C 79 -12.65 16.44 44.70
C HIS C 79 -13.01 16.06 43.25
N PRO C 80 -13.82 15.00 43.10
CA PRO C 80 -13.89 13.92 44.03
C PRO C 80 -12.74 13.09 43.56
N ASN C 81 -13.00 12.06 42.77
CA ASN C 81 -11.96 11.28 42.11
C ASN C 81 -10.93 10.88 43.11
N TRP C 82 -10.25 11.88 43.64
CA TRP C 82 -9.31 11.67 44.72
C TRP C 82 -9.89 10.77 45.79
N VAL C 83 -11.20 10.76 45.90
CA VAL C 83 -11.87 9.87 46.80
C VAL C 83 -11.96 8.53 46.10
N LEU C 84 -12.38 8.59 44.85
CA LEU C 84 -12.49 7.39 44.03
C LEU C 84 -11.11 6.84 43.64
N ASP C 85 -10.14 7.73 43.53
CA ASP C 85 -8.83 7.32 43.11
C ASP C 85 -8.03 6.82 44.26
N CYS C 86 -8.48 7.11 45.47
CA CYS C 86 -7.89 6.51 46.67
C CYS C 86 -8.37 5.10 46.81
N ILE C 87 -9.55 4.83 46.28
CA ILE C 87 -10.00 3.47 46.18
C ILE C 87 -8.91 2.67 45.47
N ALA C 88 -8.42 3.22 44.36
CA ALA C 88 -7.27 2.65 43.67
C ALA C 88 -5.99 2.74 44.49
N TYR C 89 -5.59 1.59 45.01
CA TYR C 89 -4.41 1.39 45.88
C TYR C 89 -4.70 1.86 47.30
N LYS C 90 -3.96 2.87 47.78
CA LYS C 90 -4.20 3.41 49.13
C LYS C 90 -4.11 4.95 49.20
N ARG C 91 -4.40 5.51 50.37
CA ARG C 91 -4.49 6.97 50.50
C ARG C 91 -3.25 7.65 51.08
N LEU C 92 -2.58 8.40 50.20
CA LEU C 92 -1.83 9.59 50.54
C LEU C 92 -1.67 10.27 49.19
N ILE C 93 -2.71 10.07 48.37
CA ILE C 93 -2.80 10.68 47.07
C ILE C 93 -2.63 12.21 47.21
N LEU C 94 -1.37 12.65 47.07
CA LEU C 94 -0.92 13.99 47.50
C LEU C 94 -1.74 15.16 46.94
N ILE C 95 -3.06 15.01 46.93
CA ILE C 95 -3.95 16.13 46.66
C ILE C 95 -3.58 16.86 45.36
N GLU C 96 -3.76 16.16 44.24
CA GLU C 96 -3.35 16.69 42.93
C GLU C 96 -4.45 17.16 41.96
N PRO C 97 -4.10 18.03 41.00
CA PRO C 97 -5.12 18.84 40.32
C PRO C 97 -6.55 18.25 40.09
N ASN C 98 -7.47 18.68 40.95
CA ASN C 98 -8.83 18.14 40.99
C ASN C 98 -9.76 18.83 42.05
N TYR C 99 -10.29 20.00 41.70
CA TYR C 99 -11.03 20.83 42.67
C TYR C 99 -11.86 21.92 42.06
N CYS C 100 -12.36 22.77 42.94
CA CYS C 100 -13.02 24.00 42.59
C CYS C 100 -12.60 25.04 43.62
N PHE C 101 -11.60 24.67 44.42
CA PHE C 101 -11.20 25.50 45.53
C PHE C 101 -10.34 26.68 45.11
N ASN C 102 -9.14 26.38 44.57
CA ASN C 102 -8.06 27.35 44.31
C ASN C 102 -7.52 27.96 45.62
N VAL C 103 -6.30 27.57 46.00
CA VAL C 103 -5.48 28.41 46.87
C VAL C 103 -4.34 28.93 45.99
N SER C 104 -4.71 29.99 45.28
CA SER C 104 -4.00 30.52 44.13
C SER C 104 -2.51 30.50 44.40
N GLN C 105 -2.03 31.56 45.05
CA GLN C 105 -0.60 31.75 45.36
C GLN C 105 -0.07 30.67 46.32
N LYS C 106 -0.98 29.83 46.88
CA LYS C 106 -0.61 28.86 47.94
C LYS C 106 -1.13 27.39 47.92
N MET C 107 -1.85 26.96 46.89
CA MET C 107 -2.10 25.50 46.78
C MET C 107 -2.12 24.90 45.39
N ARG C 108 -2.84 25.54 44.47
CA ARG C 108 -2.77 25.10 43.09
C ARG C 108 -1.33 25.36 42.72
N ALA C 109 -0.66 26.14 43.56
CA ALA C 109 0.76 26.33 43.45
C ALA C 109 1.54 25.18 44.10
N VAL C 110 1.10 24.74 45.28
CA VAL C 110 1.77 23.65 46.03
C VAL C 110 1.44 22.29 45.46
N ALA C 111 0.38 22.28 44.66
CA ALA C 111 -0.12 21.10 44.00
C ALA C 111 0.85 20.70 42.89
N GLU C 112 1.00 21.57 41.92
CA GLU C 112 1.81 21.30 40.75
C GLU C 112 3.20 20.75 41.13
N LYS C 113 3.64 21.02 42.35
CA LYS C 113 4.87 20.45 42.91
C LYS C 113 4.87 18.91 42.84
N ARG C 114 3.65 18.35 42.76
CA ARG C 114 3.43 16.92 43.05
C ARG C 114 2.80 16.15 41.88
N VAL C 115 2.68 16.84 40.74
CA VAL C 115 2.56 16.23 39.42
C VAL C 115 3.98 16.30 38.81
N ASP C 116 4.15 16.04 37.52
CA ASP C 116 5.45 16.33 36.90
C ASP C 116 5.27 17.48 35.91
N CYS C 117 6.27 17.68 35.06
CA CYS C 117 6.31 18.83 34.17
C CYS C 117 5.14 18.84 33.20
N LEU C 118 4.71 17.65 32.80
CA LEU C 118 3.73 17.48 31.74
C LEU C 118 2.39 17.01 32.24
N GLY C 119 2.36 15.91 32.97
CA GLY C 119 1.08 15.34 33.25
C GLY C 119 0.87 14.63 34.56
N ASP C 120 1.55 13.51 34.75
CA ASP C 120 1.19 12.58 35.81
C ASP C 120 1.77 12.98 37.16
N SER C 121 0.99 12.73 38.21
CA SER C 121 1.46 12.86 39.61
C SER C 121 2.63 11.90 39.69
N PHE C 122 3.20 11.69 40.85
CA PHE C 122 4.11 10.59 40.97
C PHE C 122 3.37 9.47 41.69
N GLU C 123 2.06 9.38 41.36
CA GLU C 123 1.02 8.54 42.00
C GLU C 123 1.43 7.07 42.09
N ASN C 124 0.70 6.21 41.40
CA ASN C 124 1.10 4.87 41.04
C ASN C 124 0.86 4.92 39.58
N ASP C 125 1.17 6.09 39.07
CA ASP C 125 0.88 6.44 37.71
C ASP C 125 -0.20 5.60 37.08
N ILE C 126 0.23 4.61 36.30
CA ILE C 126 -0.41 4.46 35.03
C ILE C 126 -1.12 3.17 34.69
N SER C 127 -2.06 3.35 33.78
CA SER C 127 -2.68 2.30 33.01
C SER C 127 -2.43 2.67 31.55
N GLU C 128 -2.15 1.66 30.74
CA GLU C 128 -2.03 1.80 29.29
C GLU C 128 -3.14 2.67 28.68
N THR C 129 -4.24 2.85 29.39
CA THR C 129 -5.24 3.83 28.97
C THR C 129 -4.86 5.21 29.51
N LYS C 130 -4.53 5.26 30.79
CA LYS C 130 -4.16 6.50 31.48
C LYS C 130 -3.02 7.24 30.80
N LEU C 131 -2.26 6.51 29.98
CA LEU C 131 -1.27 7.11 29.11
C LEU C 131 -1.96 7.87 28.03
N SER C 132 -2.68 7.15 27.20
CA SER C 132 -3.46 7.76 26.14
C SER C 132 -4.34 8.92 26.67
N SER C 133 -4.69 8.87 27.95
CA SER C 133 -5.37 9.99 28.63
C SER C 133 -4.54 11.27 28.50
N LEU C 134 -3.54 11.42 29.37
CA LEU C 134 -2.60 12.55 29.27
C LEU C 134 -1.51 12.23 28.26
N TYR C 135 -1.85 12.50 27.00
CA TYR C 135 -1.12 12.05 25.84
C TYR C 135 -1.76 12.75 24.67
N LYS C 136 -3.08 12.57 24.58
CA LYS C 136 -3.91 13.28 23.60
C LYS C 136 -4.06 14.72 24.08
N SER C 137 -3.08 15.16 24.86
CA SER C 137 -3.06 16.48 25.45
C SER C 137 -1.62 16.96 25.43
N GLN C 138 -1.34 17.99 24.62
CA GLN C 138 0.04 18.45 24.48
C GLN C 138 0.21 19.76 23.72
N LEU C 139 1.33 20.42 24.00
CA LEU C 139 1.77 21.66 23.35
C LEU C 139 3.27 21.86 23.60
N SER C 140 3.68 21.76 24.85
CA SER C 140 5.09 21.80 25.19
C SER C 140 5.68 20.45 24.86
N LEU C 141 6.84 20.45 24.19
CA LEU C 141 7.61 19.23 23.95
C LEU C 141 9.04 19.55 23.51
N PRO C 142 10.00 19.40 24.44
CA PRO C 142 11.43 19.65 24.18
C PRO C 142 12.02 18.55 23.30
N PRO C 143 12.18 18.83 21.99
CA PRO C 143 12.52 17.90 20.88
C PRO C 143 13.71 16.91 21.09
N MET C 144 14.36 16.53 19.99
CA MET C 144 15.32 15.42 20.00
C MET C 144 16.70 15.65 20.68
N GLY C 145 17.62 14.74 20.37
CA GLY C 145 19.00 14.80 20.84
C GLY C 145 19.59 13.41 21.00
N GLU C 146 20.48 13.28 21.99
CA GLU C 146 21.09 11.98 22.29
C GLU C 146 20.58 11.41 23.63
N LEU C 147 20.52 10.08 23.67
CA LEU C 147 20.14 9.33 24.86
C LEU C 147 21.04 8.09 24.94
N GLU C 148 21.11 7.45 26.12
CA GLU C 148 21.96 6.25 26.28
C GLU C 148 21.33 5.04 27.06
N ILE C 149 20.00 5.00 27.07
CA ILE C 149 19.18 3.86 27.54
C ILE C 149 17.81 4.09 26.87
N ASP C 150 17.12 3.02 26.42
CA ASP C 150 16.08 3.12 25.34
C ASP C 150 14.54 2.98 25.65
N SER C 151 13.94 1.97 25.00
CA SER C 151 12.66 1.25 25.34
C SER C 151 12.45 -0.03 24.43
N GLU C 152 11.30 -0.15 23.75
CA GLU C 152 10.94 -1.33 22.90
C GLU C 152 10.78 -0.99 21.38
N VAL C 153 11.57 0.01 21.01
CA VAL C 153 11.61 0.59 19.69
C VAL C 153 13.02 1.22 19.55
N ARG C 154 13.91 0.46 18.91
CA ARG C 154 15.24 0.93 18.54
C ARG C 154 15.89 0.10 17.43
N ARG C 155 16.59 0.81 16.53
CA ARG C 155 17.49 0.29 15.49
C ARG C 155 18.41 1.54 15.14
N PHE C 156 19.63 1.34 14.56
CA PHE C 156 20.65 2.40 14.17
C PHE C 156 21.10 2.38 12.68
N PRO C 157 21.55 3.56 12.07
CA PRO C 157 21.62 3.98 10.57
C PRO C 157 22.42 3.18 9.50
N LEU C 158 22.08 3.37 8.22
CA LEU C 158 22.50 2.43 7.13
C LEU C 158 22.43 2.75 5.59
N PHE C 159 22.78 1.76 4.76
CA PHE C 159 22.39 1.83 3.34
C PHE C 159 21.69 0.51 2.97
N ILE C 180 12.28 0.54 0.24
CA ILE C 180 11.55 0.85 1.47
C ILE C 180 11.40 -0.40 2.33
N GLU C 181 10.81 -1.48 1.78
CA GLU C 181 10.25 -2.53 2.64
C GLU C 181 11.26 -2.80 3.74
N MET C 182 12.44 -3.25 3.31
CA MET C 182 13.61 -3.40 4.21
C MET C 182 13.98 -2.05 4.82
N LYS C 183 14.14 -1.02 3.99
CA LYS C 183 14.51 0.33 4.44
C LYS C 183 13.58 0.83 5.53
N ILE C 184 12.28 0.62 5.36
CA ILE C 184 11.33 1.27 6.25
C ILE C 184 11.10 0.49 7.49
N LYS C 185 11.35 -0.82 7.42
CA LYS C 185 11.30 -1.64 8.61
C LYS C 185 12.41 -1.22 9.59
N LEU C 186 13.41 -0.52 9.08
CA LEU C 186 14.36 0.15 9.91
C LEU C 186 13.64 1.32 10.52
N PHE C 187 13.05 2.08 9.62
CA PHE C 187 12.49 3.38 9.90
C PHE C 187 11.24 3.28 10.79
N GLY C 188 10.23 2.52 10.32
CA GLY C 188 9.01 2.24 11.08
C GLY C 188 9.30 2.21 12.57
N GLY C 189 10.58 2.08 12.94
CA GLY C 189 10.95 1.95 14.34
C GLY C 189 12.33 2.29 14.84
N LYS C 190 12.58 3.58 15.02
CA LYS C 190 13.82 4.09 15.61
C LYS C 190 14.98 3.77 14.72
N ILE C 191 15.45 4.78 14.03
CA ILE C 191 16.32 4.54 12.91
C ILE C 191 17.06 5.79 12.57
N THR C 192 16.97 6.16 11.29
CA THR C 192 17.75 7.22 10.65
C THR C 192 17.80 6.96 9.13
N ASP C 193 18.54 5.94 8.75
CA ASP C 193 18.71 5.56 7.36
C ASP C 193 19.85 6.36 6.69
N GLN C 194 19.63 7.11 5.61
CA GLN C 194 20.66 8.13 5.26
C GLN C 194 21.66 7.57 4.20
N GLN C 195 21.58 8.16 3.00
CA GLN C 195 21.97 7.56 1.72
C GLN C 195 23.40 7.75 1.30
N SER C 196 24.33 7.71 2.24
CA SER C 196 25.75 7.54 1.88
C SER C 196 26.53 6.76 2.95
N LEU C 197 27.71 6.27 2.56
CA LEU C 197 28.67 5.65 3.47
C LEU C 197 28.40 5.91 4.98
N CYS C 198 27.67 4.99 5.66
CA CYS C 198 27.45 5.14 7.12
C CYS C 198 27.13 3.87 7.91
N ASN C 199 27.44 3.94 9.22
CA ASN C 199 27.09 3.01 10.34
C ASN C 199 26.68 1.54 10.11
N LEU C 200 25.77 1.30 9.18
CA LEU C 200 25.45 -0.06 8.76
C LEU C 200 25.07 -0.23 7.28
N ILE C 201 25.04 -1.47 6.82
CA ILE C 201 24.51 -1.80 5.50
C ILE C 201 23.53 -2.93 5.60
N ILE C 202 22.26 -2.76 5.32
CA ILE C 202 21.52 -4.00 5.16
C ILE C 202 21.61 -4.03 3.60
N ILE C 203 21.71 -5.21 2.96
CA ILE C 203 21.79 -5.33 1.48
C ILE C 203 20.80 -6.34 1.05
N PRO C 204 20.07 -6.04 -0.02
CA PRO C 204 19.09 -6.88 -0.75
C PRO C 204 19.64 -8.07 -1.61
N TYR C 205 19.46 -9.29 -1.09
CA TYR C 205 20.03 -10.64 -1.53
C TYR C 205 20.03 -11.13 -3.00
N THR C 206 20.71 -12.28 -3.20
CA THR C 206 20.33 -13.41 -4.10
C THR C 206 21.25 -13.88 -5.23
N ASP C 207 21.48 -13.11 -6.28
CA ASP C 207 22.21 -13.72 -7.43
C ASP C 207 23.58 -13.07 -7.92
N PRO C 208 23.84 -12.92 -9.25
CA PRO C 208 24.91 -12.02 -9.59
C PRO C 208 24.59 -10.61 -9.20
N ILE C 209 23.39 -10.34 -8.70
CA ILE C 209 22.91 -9.02 -8.95
C ILE C 209 22.84 -8.23 -7.69
N LEU C 210 21.98 -8.66 -6.82
CA LEU C 210 21.98 -7.98 -5.59
C LEU C 210 23.24 -8.61 -5.00
N ARG C 211 23.15 -9.91 -4.64
CA ARG C 211 24.23 -10.49 -3.90
C ARG C 211 25.52 -9.94 -4.53
N LYS C 212 25.80 -10.19 -5.81
CA LYS C 212 27.16 -9.84 -6.29
C LYS C 212 27.45 -8.36 -6.61
N ASP C 213 26.59 -7.71 -7.40
CA ASP C 213 26.81 -6.30 -7.77
C ASP C 213 26.50 -5.33 -6.58
N CYS C 214 25.69 -5.75 -5.59
CA CYS C 214 25.59 -4.98 -4.32
C CYS C 214 26.83 -5.22 -3.45
N MET C 215 27.28 -6.46 -3.33
CA MET C 215 28.62 -6.68 -2.84
C MET C 215 29.51 -6.00 -3.83
N ASN C 216 28.87 -5.39 -4.82
CA ASN C 216 29.63 -4.63 -5.79
C ASN C 216 30.92 -4.19 -5.16
N GLU C 217 31.99 -4.23 -5.93
CA GLU C 217 32.70 -3.02 -6.24
C GLU C 217 32.25 -1.90 -5.30
N VAL C 218 31.02 -1.94 -4.82
CA VAL C 218 30.62 -0.88 -3.92
C VAL C 218 31.03 -1.20 -2.47
N HIS C 219 31.11 -2.48 -2.11
CA HIS C 219 32.01 -2.94 -1.03
C HIS C 219 33.46 -2.57 -1.37
N GLU C 220 33.71 -2.30 -2.65
CA GLU C 220 34.99 -1.83 -3.10
C GLU C 220 34.99 -0.32 -3.07
N LYS C 221 33.85 0.26 -3.38
CA LYS C 221 33.70 1.70 -3.23
C LYS C 221 33.81 2.18 -1.74
N ILE C 222 34.26 1.25 -0.90
CA ILE C 222 34.59 1.50 0.53
C ILE C 222 36.09 1.71 0.62
N LYS C 223 36.83 0.90 -0.13
CA LYS C 223 38.28 0.99 -0.18
C LYS C 223 38.74 2.05 -1.18
N GLU C 224 38.12 3.23 -1.07
CA GLU C 224 38.66 4.50 -1.56
C GLU C 224 38.89 5.35 -0.34
N GLN C 225 38.03 5.15 0.66
CA GLN C 225 38.16 5.80 1.96
C GLN C 225 39.56 5.70 2.50
N ILE C 226 40.18 4.54 2.29
CA ILE C 226 41.43 4.23 2.96
C ILE C 226 42.59 4.95 2.29
N LYS C 227 42.56 4.96 0.97
CA LYS C 227 43.42 5.78 0.14
C LYS C 227 43.25 7.20 0.66
N ALA C 228 42.01 7.55 0.98
CA ALA C 228 41.69 8.85 1.58
C ALA C 228 42.04 8.86 3.08
N SER C 229 41.04 8.96 3.94
CA SER C 229 41.23 9.10 5.39
C SER C 229 42.55 8.57 5.89
N ASP C 230 43.24 9.38 6.69
CA ASP C 230 44.60 9.07 7.11
C ASP C 230 44.72 7.80 7.93
N THR C 231 43.95 7.72 8.99
CA THR C 231 43.80 6.46 9.70
C THR C 231 42.70 5.65 9.02
N ILE C 232 42.50 4.42 9.51
CA ILE C 232 41.47 3.53 8.96
C ILE C 232 40.07 4.11 9.09
N PRO C 233 39.46 4.37 7.92
CA PRO C 233 38.10 4.82 8.00
C PRO C 233 37.31 3.66 8.60
N LYS C 234 36.77 3.85 9.79
CA LYS C 234 36.04 2.77 10.44
C LYS C 234 35.11 2.02 9.46
N ILE C 235 35.06 0.70 9.67
CA ILE C 235 34.37 -0.23 8.79
C ILE C 235 33.08 -0.63 9.46
N ALA C 236 31.97 -0.57 8.75
CA ALA C 236 30.73 -0.85 9.42
C ALA C 236 30.51 -2.31 9.23
N ARG C 237 29.45 -2.87 9.95
CA ARG C 237 29.08 -4.27 9.76
C ARG C 237 28.11 -4.43 8.60
N VAL C 238 28.19 -5.54 7.91
CA VAL C 238 27.28 -5.74 6.73
C VAL C 238 26.24 -6.88 6.72
N VAL C 239 24.95 -6.58 6.80
CA VAL C 239 24.02 -7.67 7.01
C VAL C 239 22.82 -7.95 6.15
N ALA C 240 22.71 -9.20 5.76
CA ALA C 240 21.53 -9.64 5.09
C ALA C 240 20.30 -8.93 5.65
N PRO C 241 19.33 -8.56 4.78
CA PRO C 241 18.15 -7.84 5.19
C PRO C 241 17.48 -8.70 6.19
N GLU C 242 17.42 -9.96 5.84
CA GLU C 242 17.17 -11.06 6.72
C GLU C 242 17.32 -10.68 8.20
N TRP C 243 18.38 -9.93 8.45
CA TRP C 243 18.79 -9.53 9.79
C TRP C 243 17.69 -8.75 10.46
N VAL C 244 17.53 -7.52 9.99
CA VAL C 244 16.51 -6.62 10.45
C VAL C 244 15.30 -7.41 10.98
N ASP C 245 14.69 -8.25 10.16
CA ASP C 245 13.60 -9.05 10.66
C ASP C 245 13.95 -9.97 11.82
N HIS C 246 14.88 -10.89 11.62
CA HIS C 246 15.17 -11.87 12.67
C HIS C 246 15.67 -11.19 13.91
N SER C 247 15.69 -9.85 13.86
CA SER C 247 16.16 -9.03 14.95
C SER C 247 14.99 -8.28 15.50
N ILE C 248 14.37 -7.51 14.62
CA ILE C 248 13.15 -6.74 14.91
C ILE C 248 12.23 -7.52 15.84
N ASN C 249 12.44 -8.84 15.86
CA ASN C 249 11.63 -9.78 16.59
C ASN C 249 12.05 -10.03 18.06
N GLU C 250 12.86 -9.13 18.63
CA GLU C 250 13.18 -9.11 20.06
C GLU C 250 14.05 -7.85 20.40
N ASN C 251 15.28 -7.90 19.90
CA ASN C 251 16.33 -6.87 20.00
C ASN C 251 17.44 -7.11 18.90
N CYS C 252 18.74 -6.98 19.15
CA CYS C 252 19.72 -7.21 18.06
C CYS C 252 21.08 -7.96 18.32
N GLN C 253 21.43 -8.83 17.37
CA GLN C 253 22.69 -9.61 17.30
C GLN C 253 23.36 -9.06 16.06
N VAL C 254 24.40 -9.71 15.51
CA VAL C 254 25.03 -9.20 14.24
C VAL C 254 25.87 -10.16 13.40
N PRO C 255 26.74 -10.96 14.06
CA PRO C 255 27.90 -11.60 13.38
C PRO C 255 27.53 -12.85 12.59
N GLU C 256 26.88 -13.77 13.30
CA GLU C 256 26.12 -14.86 12.74
C GLU C 256 25.05 -14.24 11.87
N GLU C 257 25.39 -13.86 10.63
CA GLU C 257 24.43 -13.20 9.76
C GLU C 257 24.89 -12.75 8.38
N ASP C 258 25.98 -13.25 7.85
CA ASP C 258 26.34 -12.79 6.52
C ASP C 258 25.39 -13.30 5.43
N PHE C 259 25.98 -13.70 4.29
CA PHE C 259 25.27 -13.91 3.01
C PHE C 259 25.89 -14.91 1.99
N UNK D 1 -0.21 -41.69 -53.61
CA UNK D 1 -1.31 -42.07 -52.69
C UNK D 1 -0.74 -42.64 -51.39
N UNK D 2 -0.65 -41.79 -50.37
CA UNK D 2 -0.11 -42.15 -49.05
C UNK D 2 -0.60 -41.22 -47.92
N UNK D 3 -0.31 -41.60 -46.67
CA UNK D 3 -0.69 -40.80 -45.49
C UNK D 3 0.14 -41.17 -44.23
N UNK D 4 0.26 -40.21 -43.30
CA UNK D 4 1.04 -40.37 -42.06
C UNK D 4 0.65 -39.39 -40.92
N UNK D 5 -0.15 -38.36 -41.23
CA UNK D 5 -0.61 -37.32 -40.27
C UNK D 5 0.49 -36.41 -39.70
N UNK D 6 0.15 -35.14 -39.45
CA UNK D 6 1.13 -34.11 -39.06
C UNK D 6 1.26 -33.90 -37.55
N UNK D 7 2.39 -33.33 -37.14
CA UNK D 7 2.70 -33.06 -35.73
C UNK D 7 3.68 -31.90 -35.54
N UNK D 8 3.25 -30.87 -34.83
CA UNK D 8 4.07 -29.69 -34.53
C UNK D 8 3.71 -29.04 -33.19
N UNK E 1 1.48 -29.18 -31.18
CA UNK E 1 0.18 -29.26 -31.91
C UNK E 1 0.20 -30.35 -33.00
N UNK E 2 -0.91 -30.48 -33.73
CA UNK E 2 -1.06 -31.50 -34.78
C UNK E 2 -2.06 -31.08 -35.85
N UNK E 3 -2.05 -31.80 -36.97
CA UNK E 3 -2.98 -31.60 -38.08
C UNK E 3 -3.11 -32.86 -38.94
N UNK E 4 -3.76 -32.72 -40.09
CA UNK E 4 -3.89 -33.82 -41.05
C UNK E 4 -3.33 -33.37 -42.40
N UNK E 5 -2.81 -34.32 -43.18
CA UNK E 5 -2.15 -33.99 -44.43
C UNK E 5 -2.12 -35.19 -45.38
N UNK E 6 -2.43 -34.95 -46.66
CA UNK E 6 -2.33 -35.98 -47.71
C UNK E 6 -2.43 -35.39 -49.13
N UNK E 7 -1.98 -36.17 -50.12
CA UNK E 7 -2.05 -35.79 -51.52
C UNK E 7 -2.21 -37.02 -52.39
N UNK F 1 1.53 -29.41 -52.51
CA UNK F 1 1.13 -30.48 -51.54
C UNK F 1 0.16 -29.94 -50.48
N UNK F 2 -1.05 -30.51 -50.46
CA UNK F 2 -2.15 -30.05 -49.60
C UNK F 2 -1.86 -30.08 -48.10
N UNK F 3 -1.39 -28.96 -47.58
CA UNK F 3 -1.14 -28.78 -46.14
C UNK F 3 -2.44 -28.35 -45.43
N UNK F 4 -3.45 -29.20 -45.51
CA UNK F 4 -4.77 -28.93 -44.94
C UNK F 4 -4.74 -29.07 -43.43
N UNK F 5 -4.24 -28.02 -42.76
CA UNK F 5 -4.04 -28.06 -41.32
C UNK F 5 -5.36 -28.15 -40.56
N UNK F 6 -5.37 -28.98 -39.52
CA UNK F 6 -6.54 -29.15 -38.66
C UNK F 6 -6.16 -28.84 -37.23
N UNK F 7 -6.39 -27.59 -36.84
CA UNK F 7 -6.10 -27.12 -35.48
C UNK F 7 -7.23 -27.51 -34.53
N UNK F 8 -8.43 -27.10 -34.90
CA UNK F 8 -9.64 -27.36 -34.12
C UNK F 8 -10.82 -26.81 -34.90
N UNK F 9 -11.28 -25.62 -34.52
CA UNK F 9 -12.38 -24.94 -35.22
C UNK F 9 -11.87 -24.03 -36.34
N UNK F 10 -10.57 -24.11 -36.63
CA UNK F 10 -9.96 -23.39 -37.74
C UNK F 10 -8.99 -24.27 -38.54
N UNK F 11 -9.55 -25.04 -39.47
CA UNK F 11 -8.76 -25.75 -40.45
C UNK F 11 -8.14 -24.75 -41.43
N UNK F 12 -7.03 -25.12 -42.05
CA UNK F 12 -6.36 -24.24 -43.00
C UNK F 12 -6.01 -25.01 -44.25
N UNK F 13 -6.51 -24.54 -45.39
CA UNK F 13 -6.54 -25.36 -46.59
C UNK F 13 -5.88 -24.71 -47.79
N UNK F 14 -5.00 -25.47 -48.44
CA UNK F 14 -4.30 -25.03 -49.64
C UNK F 14 -3.29 -26.07 -50.13
N UNK F 15 -2.08 -25.63 -50.47
CA UNK F 15 -1.00 -26.51 -50.94
C UNK F 15 0.38 -25.83 -50.96
N UNK F 16 1.32 -26.42 -51.70
CA UNK F 16 2.59 -25.77 -52.03
C UNK F 16 2.85 -26.13 -53.49
N UNK F 17 2.19 -25.38 -54.36
CA UNK F 17 1.98 -25.73 -55.77
C UNK F 17 3.14 -26.44 -56.43
N UNK F 18 2.82 -27.44 -57.24
CA UNK F 18 3.82 -28.20 -58.00
C UNK F 18 4.50 -27.28 -59.03
N UNK F 19 3.75 -26.28 -59.48
CA UNK F 19 4.28 -25.21 -60.35
C UNK F 19 5.14 -24.22 -59.56
N UNK F 20 4.85 -24.08 -58.27
CA UNK F 20 5.61 -23.20 -57.36
C UNK F 20 6.78 -23.93 -56.65
N UNK F 21 6.83 -25.26 -56.81
CA UNK F 21 7.84 -26.10 -56.15
C UNK F 21 8.88 -26.69 -57.12
N UNK F 22 9.69 -25.79 -57.69
CA UNK F 22 10.84 -26.12 -58.53
C UNK F 22 11.75 -24.89 -58.61
N UNK F 23 11.37 -23.85 -57.86
CA UNK F 23 12.08 -22.59 -57.83
C UNK F 23 12.73 -22.35 -56.46
N UNK F 24 13.13 -23.45 -55.81
CA UNK F 24 13.89 -23.40 -54.56
C UNK F 24 14.85 -24.59 -54.43
N UNK F 25 14.71 -25.57 -55.32
CA UNK F 25 15.60 -26.73 -55.38
C UNK F 25 16.98 -26.36 -55.92
N UNK F 26 17.04 -25.37 -56.79
CA UNK F 26 18.29 -24.90 -57.39
C UNK F 26 19.17 -24.19 -56.38
N UNK F 27 18.54 -23.49 -55.43
CA UNK F 27 19.26 -22.58 -54.54
C UNK F 27 18.98 -22.78 -53.03
N UNK F 28 18.91 -24.04 -52.59
CA UNK F 28 18.86 -24.34 -51.17
C UNK F 28 20.26 -24.74 -50.70
N UNK F 29 21.26 -24.13 -51.34
CA UNK F 29 22.68 -24.45 -51.18
C UNK F 29 23.10 -25.75 -51.88
N UNK F 30 22.11 -26.59 -52.19
CA UNK F 30 22.36 -27.95 -52.70
C UNK F 30 21.65 -28.24 -54.03
N UNK F 31 21.88 -29.45 -54.55
CA UNK F 31 21.20 -29.93 -55.76
C UNK F 31 19.71 -30.15 -55.48
N UNK F 32 18.98 -30.59 -56.51
CA UNK F 32 17.56 -30.92 -56.33
C UNK F 32 17.39 -32.26 -55.61
N UNK F 33 18.47 -33.05 -55.56
CA UNK F 33 18.50 -34.29 -54.79
C UNK F 33 18.82 -34.05 -53.31
N UNK F 34 19.16 -32.82 -52.98
CA UNK F 34 19.52 -32.42 -51.60
C UNK F 34 18.65 -31.26 -51.09
N UNK F 35 17.64 -30.91 -51.87
CA UNK F 35 16.63 -29.91 -51.50
C UNK F 35 15.22 -30.52 -51.62
N UNK F 36 15.14 -31.63 -52.33
CA UNK F 36 13.93 -32.45 -52.41
C UNK F 36 14.26 -33.86 -51.89
N UNK F 37 15.49 -34.04 -51.41
CA UNK F 37 15.90 -35.27 -50.73
C UNK F 37 15.91 -35.10 -49.22
N UNK F 38 15.31 -34.01 -48.75
CA UNK F 38 15.13 -33.72 -47.33
C UNK F 38 13.69 -33.21 -47.07
N UNK F 39 12.73 -33.88 -47.70
CA UNK F 39 11.31 -33.48 -47.68
C UNK F 39 10.31 -34.60 -47.37
N UNK F 40 10.68 -35.84 -47.72
CA UNK F 40 9.80 -37.01 -47.50
C UNK F 40 10.09 -37.82 -46.22
N UNK F 41 10.80 -37.22 -45.26
CA UNK F 41 11.09 -37.83 -43.95
C UNK F 41 11.09 -36.77 -42.83
N UNK F 42 10.52 -35.60 -43.14
CA UNK F 42 10.57 -34.42 -42.26
C UNK F 42 9.63 -34.52 -41.06
N UNK F 43 8.55 -33.74 -41.09
CA UNK F 43 7.65 -33.59 -39.95
C UNK F 43 6.76 -34.83 -39.73
N UNK F 44 7.39 -36.00 -39.63
CA UNK F 44 6.72 -37.27 -39.32
C UNK F 44 7.72 -38.29 -38.78
N UNK F 45 8.69 -38.65 -39.62
CA UNK F 45 9.75 -39.62 -39.29
C UNK F 45 9.25 -40.90 -38.57
N UNK G 1 22.19 -34.65 -37.22
CA UNK G 1 21.57 -33.58 -36.38
C UNK G 1 20.14 -33.26 -36.82
N UNK G 2 19.30 -32.89 -35.85
CA UNK G 2 17.92 -32.48 -36.11
C UNK G 2 17.49 -31.40 -35.11
N UNK G 3 16.84 -30.35 -35.63
CA UNK G 3 16.48 -29.17 -34.82
C UNK G 3 15.32 -28.38 -35.44
N UNK G 4 14.09 -28.86 -35.21
CA UNK G 4 12.86 -28.25 -35.77
C UNK G 4 12.14 -27.28 -34.83
N UNK G 5 12.30 -25.99 -35.10
CA UNK G 5 11.65 -24.92 -34.33
C UNK G 5 10.62 -24.16 -35.16
N UNK G 6 9.35 -24.57 -35.02
CA UNK G 6 8.21 -23.93 -35.69
C UNK G 6 8.07 -22.47 -35.26
N UNK G 7 8.28 -21.56 -36.21
CA UNK G 7 8.38 -20.14 -35.93
C UNK G 7 7.16 -19.40 -36.47
N UNK G 8 6.03 -19.60 -35.80
CA UNK G 8 4.72 -19.19 -36.30
C UNK G 8 4.21 -17.87 -35.78
N UNK G 9 3.11 -17.42 -36.38
CA UNK G 9 2.33 -16.29 -35.91
C UNK G 9 0.89 -16.76 -35.67
N UNK G 10 0.50 -16.77 -34.39
CA UNK G 10 -0.83 -17.24 -33.97
C UNK G 10 -1.98 -16.85 -34.92
N UNK G 11 -2.10 -15.56 -35.24
CA UNK G 11 -3.07 -15.08 -36.23
C UNK G 11 -2.69 -15.64 -37.59
N UNK G 12 -2.52 -14.75 -38.57
CA UNK G 12 -2.25 -15.15 -39.96
C UNK G 12 -1.81 -16.62 -40.10
N UNK G 13 -0.57 -16.93 -39.68
CA UNK G 13 -0.04 -18.31 -39.69
C UNK G 13 1.44 -18.40 -39.29
N UNK G 14 2.34 -18.24 -40.27
CA UNK G 14 3.80 -18.26 -40.09
C UNK G 14 4.43 -19.54 -39.51
N UNK G 15 3.66 -20.61 -39.33
CA UNK G 15 4.21 -21.84 -38.77
C UNK G 15 5.36 -22.39 -39.61
N UNK G 16 6.53 -22.53 -39.00
CA UNK G 16 7.77 -22.83 -39.74
C UNK G 16 8.75 -23.73 -38.98
N UNK G 17 8.62 -25.05 -39.16
CA UNK G 17 9.50 -26.03 -38.50
C UNK G 17 10.96 -25.98 -39.00
N UNK G 18 11.87 -25.60 -38.09
CA UNK G 18 13.28 -25.33 -38.39
C UNK G 18 14.13 -26.56 -38.78
N UNK G 19 15.42 -26.32 -39.04
CA UNK G 19 16.36 -27.35 -39.49
C UNK G 19 17.80 -27.02 -39.02
N UNK G 20 17.89 -26.36 -37.85
CA UNK G 20 19.17 -25.84 -37.33
C UNK G 20 20.29 -26.88 -37.34
N UNK G 21 21.24 -26.67 -38.26
CA UNK G 21 22.43 -27.50 -38.37
C UNK G 21 23.31 -27.30 -37.14
N UNK G 22 23.46 -26.03 -36.76
CA UNK G 22 24.17 -25.61 -35.54
C UNK G 22 23.88 -24.13 -35.25
N UNK G 23 24.12 -23.29 -36.25
CA UNK G 23 24.03 -21.84 -36.11
C UNK G 23 23.19 -21.21 -37.24
N UNK G 24 23.74 -20.19 -37.91
CA UNK G 24 23.02 -19.46 -38.97
C UNK G 24 22.72 -20.37 -40.15
N UNK G 25 21.48 -20.83 -40.22
CA UNK G 25 21.05 -21.86 -41.17
C UNK G 25 20.92 -21.35 -42.60
N UNK G 26 20.97 -22.27 -43.57
CA UNK G 26 20.75 -21.94 -44.98
C UNK G 26 19.25 -21.99 -45.30
N UNK G 27 18.84 -21.16 -46.26
CA UNK G 27 17.43 -21.04 -46.68
C UNK G 27 16.77 -22.38 -47.05
N UNK G 28 15.66 -22.70 -46.36
CA UNK G 28 14.94 -23.98 -46.54
C UNK G 28 13.45 -23.96 -46.10
N UNK G 29 12.60 -23.29 -46.89
CA UNK G 29 11.14 -23.35 -46.66
C UNK G 29 10.30 -22.13 -47.00
N UNK G 30 9.23 -22.36 -47.76
CA UNK G 30 8.25 -21.32 -48.13
C UNK G 30 7.00 -21.87 -48.84
N UNK G 31 6.32 -22.82 -48.20
CA UNK G 31 5.04 -23.34 -48.70
C UNK G 31 3.99 -22.21 -48.75
N UNK G 32 2.79 -22.50 -49.24
CA UNK G 32 1.81 -21.42 -49.50
C UNK G 32 0.31 -21.81 -49.43
N UNK G 33 -0.36 -21.55 -48.30
CA UNK G 33 -1.80 -21.89 -48.11
C UNK G 33 -2.59 -20.96 -47.17
N UNK G 34 -3.68 -20.38 -47.68
CA UNK G 34 -4.58 -19.55 -46.86
C UNK G 34 -5.47 -20.41 -45.96
N UNK G 35 -5.93 -19.84 -44.84
CA UNK G 35 -6.81 -20.56 -43.91
C UNK G 35 -8.23 -20.72 -44.46
N UNK G 36 -9.08 -21.37 -43.68
CA UNK G 36 -10.45 -21.66 -44.06
C UNK G 36 -11.25 -20.43 -44.47
N UNK G 37 -12.20 -20.63 -45.39
CA UNK G 37 -13.17 -19.62 -45.78
C UNK G 37 -14.43 -20.27 -46.38
N UNK H 1 -18.48 13.32 -39.57
CA UNK H 1 -19.43 13.43 -40.70
C UNK H 1 -18.68 13.73 -41.99
N UNK H 2 -19.09 13.08 -43.09
CA UNK H 2 -18.46 13.31 -44.42
C UNK H 2 -19.31 12.82 -45.60
N UNK H 3 -19.48 13.69 -46.60
CA UNK H 3 -20.20 13.39 -47.85
C UNK H 3 -20.05 14.54 -48.86
N UNK H 4 -19.73 14.22 -50.12
CA UNK H 4 -19.50 15.26 -51.15
C UNK H 4 -19.81 14.86 -52.60
N UNK H 5 -19.58 15.81 -53.53
CA UNK H 5 -19.86 15.67 -54.97
C UNK H 5 -19.16 16.75 -55.81
N UNK H 6 -18.67 16.36 -56.99
CA UNK H 6 -18.12 17.31 -57.96
C UNK H 6 -18.52 16.95 -59.39
N UNK H 7 -19.48 17.70 -59.94
CA UNK H 7 -20.07 17.42 -61.25
C UNK H 7 -19.10 17.65 -62.41
N UNK I 1 -21.85 9.48 -59.86
CA UNK I 1 -21.62 10.21 -58.58
C UNK I 1 -20.66 9.46 -57.65
N UNK I 2 -19.78 10.20 -56.98
CA UNK I 2 -18.74 9.66 -56.09
C UNK I 2 -18.76 10.32 -54.71
N UNK I 3 -19.17 9.57 -53.68
CA UNK I 3 -19.28 10.08 -52.31
C UNK I 3 -18.25 9.44 -51.40
N UNK I 4 -17.69 10.25 -50.50
CA UNK I 4 -16.70 9.76 -49.54
C UNK I 4 -17.31 9.62 -48.15
N UNK I 5 -17.16 8.43 -47.58
CA UNK I 5 -17.70 8.11 -46.27
C UNK I 5 -16.57 7.84 -45.27
N UNK I 6 -15.89 8.90 -44.84
CA UNK I 6 -14.67 8.74 -44.03
C UNK I 6 -14.40 9.83 -43.00
N UNK I 7 -13.11 10.15 -42.87
CA UNK I 7 -12.56 10.96 -41.79
C UNK I 7 -11.10 11.27 -42.12
N UNK I 8 -10.49 10.33 -42.83
CA UNK I 8 -9.05 10.36 -43.12
C UNK I 8 -8.38 9.12 -42.54
N UNK I 9 -9.14 8.02 -42.46
CA UNK I 9 -8.68 6.77 -41.86
C UNK I 9 -9.19 5.56 -42.65
N UNK I 10 -9.80 4.60 -41.95
CA UNK I 10 -10.55 3.51 -42.58
C UNK I 10 -11.71 4.14 -43.34
N UNK I 11 -11.38 4.80 -44.44
CA UNK I 11 -12.31 5.58 -45.24
C UNK I 11 -13.32 4.72 -46.01
N UNK I 12 -14.16 5.36 -46.81
CA UNK I 12 -15.07 4.65 -47.70
C UNK I 12 -15.11 5.34 -49.06
N UNK I 13 -14.75 4.58 -50.09
CA UNK I 13 -14.44 5.11 -51.44
C UNK I 13 -15.66 5.58 -52.24
N UNK I 14 -15.52 5.67 -53.57
CA UNK I 14 -16.62 6.05 -54.45
C UNK I 14 -16.39 6.10 -55.96
N UNK I 15 -17.34 5.50 -56.70
CA UNK I 15 -17.51 5.71 -58.16
C UNK I 15 -18.82 5.08 -58.68
N UNK I 16 -19.86 5.06 -57.83
CA UNK I 16 -21.20 4.59 -58.20
C UNK I 16 -21.78 5.54 -59.24
N UNK I 17 -21.42 5.27 -60.50
CA UNK I 17 -21.45 6.23 -61.61
C UNK I 17 -22.78 6.98 -61.86
N UNK I 18 -22.70 8.04 -62.66
CA UNK I 18 -23.87 8.85 -63.04
C UNK I 18 -24.78 8.11 -64.04
N UNK I 19 -24.72 6.78 -63.99
CA UNK I 19 -25.59 5.89 -64.77
C UNK I 19 -26.90 5.66 -64.04
N UNK I 20 -26.86 5.81 -62.71
CA UNK I 20 -28.04 5.74 -61.87
C UNK I 20 -28.81 7.07 -61.91
N UNK I 21 -28.19 8.11 -62.49
CA UNK I 21 -28.77 9.45 -62.59
C UNK I 21 -29.98 9.54 -63.55
N UNK I 22 -30.31 8.42 -64.18
CA UNK I 22 -31.54 8.29 -64.97
C UNK I 22 -32.15 6.90 -64.72
N UNK I 23 -31.39 6.03 -64.06
CA UNK I 23 -31.77 4.63 -63.82
C UNK I 23 -32.52 4.44 -62.49
N UNK I 24 -31.79 4.31 -61.38
CA UNK I 24 -32.40 4.16 -60.06
C UNK I 24 -32.78 5.52 -59.46
N UNK I 25 -33.37 6.39 -60.29
CA UNK I 25 -33.79 7.72 -59.85
C UNK I 25 -35.03 8.27 -60.59
N UNK I 26 -35.08 8.08 -61.92
CA UNK I 26 -36.24 8.50 -62.72
C UNK I 26 -37.20 7.32 -62.98
N UNK I 27 -37.12 6.31 -62.10
CA UNK I 27 -37.93 5.08 -62.21
C UNK I 27 -38.84 4.85 -61.00
N UNK I 28 -38.58 5.56 -59.90
CA UNK I 28 -39.42 5.46 -58.70
C UNK I 28 -40.27 6.71 -58.55
N UNK I 29 -40.98 7.05 -59.63
CA UNK I 29 -41.79 8.27 -59.74
C UNK I 29 -40.96 9.56 -59.69
N UNK I 30 -40.34 9.88 -60.83
CA UNK I 30 -39.59 11.14 -61.03
C UNK I 30 -39.44 11.46 -62.54
N UNK J 1 -33.00 27.05 -46.25
CA UNK J 1 -34.24 26.41 -45.72
C UNK J 1 -34.13 24.88 -45.68
N UNK J 2 -33.18 24.32 -46.43
CA UNK J 2 -33.01 22.86 -46.59
C UNK J 2 -32.60 22.12 -45.30
N UNK J 3 -32.78 20.80 -45.29
CA UNK J 3 -32.62 19.96 -44.08
C UNK J 3 -31.48 18.92 -44.19
N UNK J 4 -30.85 18.59 -43.04
CA UNK J 4 -29.71 17.64 -43.00
C UNK J 4 -29.59 16.84 -41.68
N UNK J 5 -29.35 15.54 -41.81
CA UNK J 5 -29.11 14.66 -40.66
C UNK J 5 -27.82 13.86 -40.82
N UNK J 6 -27.24 13.46 -39.70
CA UNK J 6 -26.02 12.64 -39.67
C UNK J 6 -25.95 11.84 -38.37
N UNK J 7 -26.05 10.51 -38.49
CA UNK J 7 -25.97 9.60 -37.33
C UNK J 7 -25.42 8.22 -37.78
N UNK J 8 -25.29 7.29 -36.84
CA UNK J 8 -24.90 5.89 -37.12
C UNK J 8 -24.45 5.10 -35.89
N UNK J 9 -24.14 3.83 -36.12
CA UNK J 9 -23.26 3.06 -35.27
C UNK J 9 -22.06 2.74 -36.14
N UNK J 10 -21.09 3.64 -36.12
CA UNK J 10 -19.90 3.55 -36.96
C UNK J 10 -19.35 2.15 -36.88
N UNK J 11 -19.41 1.44 -38.00
CA UNK J 11 -19.04 0.04 -38.01
C UNK J 11 -18.62 -0.46 -39.39
N UNK J 12 -19.01 0.28 -40.44
CA UNK J 12 -18.81 -0.21 -41.82
C UNK J 12 -18.46 0.89 -42.86
N UNK J 13 -19.03 0.78 -44.07
CA UNK J 13 -18.74 1.68 -45.21
C UNK J 13 -19.86 1.79 -46.31
N UNK J 14 -20.74 2.81 -46.20
CA UNK J 14 -21.82 3.09 -47.19
C UNK J 14 -22.45 4.51 -47.16
N UNK J 15 -23.79 4.60 -47.24
CA UNK J 15 -24.54 5.88 -47.37
C UNK J 15 -26.10 5.78 -47.23
N UNK J 16 -26.67 6.49 -46.24
CA UNK J 16 -28.15 6.61 -46.04
C UNK J 16 -28.60 7.53 -44.86
N UNK J 17 -28.36 8.84 -44.99
CA UNK J 17 -28.66 9.82 -43.91
C UNK J 17 -30.04 10.50 -44.00
N UNK J 18 -30.66 10.74 -42.83
CA UNK J 18 -32.06 11.18 -42.75
C UNK J 18 -32.31 12.65 -43.10
N UNK J 19 -33.59 12.99 -43.28
CA UNK J 19 -34.07 14.36 -43.52
C UNK J 19 -35.54 14.48 -43.09
N UNK J 20 -35.85 15.50 -42.31
CA UNK J 20 -37.21 15.68 -41.78
C UNK J 20 -37.99 16.78 -42.51
N UNK K 1 -38.91 9.64 -43.63
CA UNK K 1 -37.54 9.70 -44.22
C UNK K 1 -37.34 8.66 -45.33
N UNK K 2 -36.70 9.08 -46.42
CA UNK K 2 -36.33 8.21 -47.55
C UNK K 2 -34.93 8.58 -48.13
N UNK K 3 -34.76 8.49 -49.45
CA UNK K 3 -33.44 8.73 -50.09
C UNK K 3 -33.48 9.38 -51.49
N UNK K 4 -32.29 9.63 -52.03
CA UNK K 4 -32.10 10.16 -53.39
C UNK K 4 -30.80 9.62 -54.01
N UNK K 5 -30.45 8.39 -53.64
CA UNK K 5 -29.24 7.73 -54.12
C UNK K 5 -28.37 7.20 -53.00
N UNK K 6 -27.61 6.15 -53.30
CA UNK K 6 -26.64 5.57 -52.36
C UNK K 6 -25.60 4.74 -53.10
N UNK K 7 -24.33 4.96 -52.75
CA UNK K 7 -23.22 4.22 -53.34
C UNK K 7 -22.91 2.98 -52.52
N UNK K 8 -22.06 2.10 -53.06
CA UNK K 8 -21.43 1.06 -52.25
C UNK K 8 -20.02 1.50 -51.89
N UNK K 9 -19.93 2.73 -51.38
CA UNK K 9 -18.68 3.35 -50.93
C UNK K 9 -17.84 2.36 -50.11
N UNK K 10 -16.88 1.72 -50.77
CA UNK K 10 -16.14 0.59 -50.21
C UNK K 10 -15.09 0.99 -49.18
N UNK K 11 -14.90 0.14 -48.16
CA UNK K 11 -13.92 0.39 -47.10
C UNK K 11 -12.51 0.59 -47.68
N UNK K 12 -11.82 1.63 -47.19
CA UNK K 12 -10.60 2.19 -47.79
C UNK K 12 -9.41 1.24 -47.92
N UNK K 13 -8.41 1.69 -48.68
CA UNK K 13 -7.15 0.96 -48.92
C UNK K 13 -5.97 1.54 -48.13
#